data_6S69
#
_entry.id   6S69
#
_cell.length_a   121.539
_cell.length_b   61.665
_cell.length_c   80.055
_cell.angle_alpha   90.000
_cell.angle_beta   117.660
_cell.angle_gamma   90.000
#
_symmetry.space_group_name_H-M   'C 1 2 1'
#
loop_
_entity.id
_entity.type
_entity.pdbx_description
1 polymer 'Transcriptional enhancer factor TEF-4'
2 non-polymer 'MYRISTIC ACID'
3 non-polymer '3-[3-(3,4-dichlorophenyl)-4-(2-phenylethylcarbamoyl)pyrazol-1-yl]propanoic acid'
4 water water
#
_entity_poly.entity_id   1
_entity_poly.type   'polypeptide(L)'
_entity_poly.pdbx_seq_one_letter_code
;MAWQARGLGTARLQLVEFSAFVEPPDAVDSYQRHLFVHISQHCPSPGAPPLESVDVRQIYDKFPEKKGGLRELYDRGPPH
AFFLVKFWADLNWGPSGEEAGAGGSISSGGFYGVSSQYESLEHMTLTCSSKVCSFGKQVVEKVETERAQLEDGRFVYRLL
RSPMCEYLVNFLHKLRQLPERYMMNSVLENFTILQVVTNRDTQELLLCTAYVFEVSTSERGAQHHIYRLVRDVEHHHHHH
;
_entity_poly.pdbx_strand_id   A,B
#
loop_
_chem_comp.id
_chem_comp.type
_chem_comp.name
_chem_comp.formula
KX5 non-polymer '3-[3-(3,4-dichlorophenyl)-4-(2-phenylethylcarbamoyl)pyrazol-1-yl]propanoic acid' 'C21 H19 Cl2 N3 O3'
MYR non-polymer 'MYRISTIC ACID' 'C14 H28 O2'
#
# COMPACT_ATOMS: atom_id res chain seq x y z
N GLY A 7 -17.69 22.01 6.61
CA GLY A 7 -18.15 20.59 6.84
C GLY A 7 -17.00 19.69 7.27
N LEU A 8 -16.54 18.83 6.38
CA LEU A 8 -15.32 18.04 6.65
C LEU A 8 -14.07 18.90 6.39
N GLY A 9 -13.38 19.29 7.48
CA GLY A 9 -12.44 20.37 7.46
C GLY A 9 -11.96 20.92 8.80
N THR A 10 -10.77 21.48 8.78
CA THR A 10 -10.30 22.41 9.79
C THR A 10 -10.09 23.79 9.10
N ALA A 11 -9.69 24.78 9.90
CA ALA A 11 -9.24 26.06 9.35
C ALA A 11 -8.06 25.84 8.40
N ARG A 12 -7.15 24.94 8.78
CA ARG A 12 -5.97 24.61 8.01
C ARG A 12 -6.21 23.85 6.69
N LEU A 13 -7.16 22.91 6.66
CA LEU A 13 -7.42 22.08 5.44
C LEU A 13 -8.85 21.65 5.36
N GLN A 14 -9.43 21.75 4.19
CA GLN A 14 -10.81 21.36 3.98
C GLN A 14 -10.85 20.38 2.80
N LEU A 15 -11.62 19.32 2.96
CA LEU A 15 -12.00 18.45 1.85
C LEU A 15 -13.02 19.19 0.97
N VAL A 16 -12.85 19.14 -0.34
CA VAL A 16 -13.73 19.85 -1.28
C VAL A 16 -14.53 18.83 -2.10
N GLU A 17 -13.85 17.80 -2.61
CA GLU A 17 -14.49 16.68 -3.29
C GLU A 17 -13.79 15.36 -3.01
N PHE A 18 -14.58 14.30 -2.92
CA PHE A 18 -14.08 12.97 -2.86
C PHE A 18 -15.06 12.10 -3.63
N SER A 19 -14.53 11.28 -4.54
CA SER A 19 -15.34 10.33 -5.26
C SER A 19 -14.53 9.07 -5.63
N ALA A 20 -15.23 7.93 -5.64
CA ALA A 20 -14.72 6.67 -6.15
C ALA A 20 -15.69 6.22 -7.22
N PHE A 21 -15.13 5.71 -8.31
CA PHE A 21 -15.92 5.58 -9.54
C PHE A 21 -15.39 4.53 -10.46
N VAL A 22 -16.23 4.22 -11.43
CA VAL A 22 -15.78 3.39 -12.54
C VAL A 22 -16.28 4.05 -13.83
N GLU A 23 -15.36 4.13 -14.79
CA GLU A 23 -15.62 4.70 -16.11
C GLU A 23 -15.72 3.54 -17.10
N PRO A 24 -16.68 3.60 -18.06
CA PRO A 24 -16.68 2.62 -19.14
C PRO A 24 -15.57 2.88 -20.15
N ARG A 33 -19.32 7.13 -16.52
CA ARG A 33 -18.83 7.28 -15.15
C ARG A 33 -19.89 6.94 -14.09
N HIS A 34 -19.67 5.86 -13.32
CA HIS A 34 -20.55 5.51 -12.20
C HIS A 34 -19.79 5.86 -10.90
N LEU A 35 -20.54 6.36 -9.91
CA LEU A 35 -19.99 6.86 -8.68
C LEU A 35 -20.46 5.96 -7.57
N PHE A 36 -19.51 5.30 -6.94
CA PHE A 36 -19.85 4.42 -5.83
C PHE A 36 -20.21 5.29 -4.65
N VAL A 37 -19.34 6.28 -4.42
CA VAL A 37 -19.58 7.34 -3.43
C VAL A 37 -19.10 8.69 -3.96
N HIS A 38 -19.48 9.74 -3.26
CA HIS A 38 -19.31 11.10 -3.76
C HIS A 38 -19.64 12.07 -2.63
N ILE A 39 -18.64 12.81 -2.18
CA ILE A 39 -18.83 13.92 -1.27
C ILE A 39 -18.47 15.14 -2.07
N SER A 40 -19.41 16.09 -2.17
CA SER A 40 -19.17 17.42 -2.80
C SER A 40 -19.38 18.55 -1.80
N GLN A 41 -18.39 19.44 -1.67
CA GLN A 41 -18.39 20.51 -0.63
C GLN A 41 -17.85 21.88 -1.11
N LEU A 51 -22.88 19.81 12.65
CA LEU A 51 -22.32 18.48 12.43
C LEU A 51 -22.46 17.70 13.73
N GLU A 52 -23.06 16.51 13.68
CA GLU A 52 -23.25 15.64 14.87
C GLU A 52 -21.93 15.00 15.38
N SER A 53 -21.87 14.68 16.67
CA SER A 53 -20.73 14.02 17.28
C SER A 53 -20.86 12.52 17.17
N VAL A 54 -19.75 11.80 17.40
CA VAL A 54 -19.71 10.34 17.62
C VAL A 54 -18.47 10.06 18.48
N ASP A 55 -18.62 9.15 19.43
CA ASP A 55 -17.54 8.84 20.36
C ASP A 55 -16.55 7.89 19.68
N VAL A 56 -15.39 8.39 19.31
CA VAL A 56 -14.36 7.57 18.71
C VAL A 56 -14.21 6.18 19.37
N ARG A 57 -14.47 6.07 20.67
CA ARG A 57 -14.42 4.75 21.37
C ARG A 57 -15.41 3.75 20.75
N GLN A 58 -16.57 4.25 20.32
CA GLN A 58 -17.56 3.45 19.56
C GLN A 58 -16.96 2.62 18.41
N ILE A 59 -15.92 3.13 17.73
CA ILE A 59 -15.36 2.53 16.50
C ILE A 59 -13.91 2.03 16.57
N TYR A 60 -13.34 1.89 17.76
CA TYR A 60 -11.93 1.44 17.95
C TYR A 60 -11.62 0.04 17.40
N ASP A 61 -12.57 -0.86 17.60
CA ASP A 61 -12.47 -2.26 17.15
C ASP A 61 -12.62 -2.44 15.63
N LYS A 62 -12.99 -1.35 14.94
CA LYS A 62 -13.21 -1.29 13.49
C LYS A 62 -11.90 -0.95 12.71
N PHE A 63 -10.82 -0.60 13.45
CA PHE A 63 -9.51 -0.22 12.91
C PHE A 63 -8.40 -0.91 13.77
N PRO A 64 -7.18 -1.12 13.23
CA PRO A 64 -6.12 -1.80 14.02
C PRO A 64 -5.63 -1.03 15.25
N GLU A 65 -5.14 -1.78 16.24
CA GLU A 65 -4.57 -1.23 17.49
C GLU A 65 -3.08 -0.89 17.38
N LYS A 66 -2.50 -1.11 16.21
CA LYS A 66 -1.07 -0.95 15.98
C LYS A 66 -0.67 0.54 15.84
N LYS A 67 0.59 0.78 15.48
CA LYS A 67 1.06 2.12 15.11
C LYS A 67 0.33 2.57 13.83
N GLY A 68 -0.13 3.81 13.84
CA GLY A 68 -1.09 4.29 12.84
C GLY A 68 -2.46 3.70 13.13
N GLY A 69 -2.73 3.44 14.41
CA GLY A 69 -4.03 2.97 14.90
C GLY A 69 -4.84 4.16 15.39
N LEU A 70 -6.16 4.04 15.28
CA LEU A 70 -7.07 5.16 15.51
C LEU A 70 -7.04 5.69 16.93
N ARG A 71 -6.93 4.79 17.91
CA ARG A 71 -6.83 5.21 19.31
C ARG A 71 -5.54 6.03 19.51
N GLU A 72 -4.44 5.41 19.12
CA GLU A 72 -3.11 6.00 19.16
C GLU A 72 -3.07 7.37 18.46
N LEU A 73 -3.60 7.47 17.23
CA LEU A 73 -3.65 8.74 16.51
C LEU A 73 -4.41 9.78 17.34
N TYR A 74 -5.59 9.41 17.80
CA TYR A 74 -6.49 10.35 18.44
C TYR A 74 -5.85 10.91 19.72
N ASP A 75 -5.11 10.04 20.43
CA ASP A 75 -4.27 10.42 21.60
C ASP A 75 -3.37 11.59 21.25
N ARG A 76 -2.55 11.40 20.22
CA ARG A 76 -1.58 12.44 19.81
C ARG A 76 -2.26 13.75 19.38
N GLY A 77 -3.55 13.70 19.05
CA GLY A 77 -4.31 14.89 18.71
C GLY A 77 -3.93 15.43 17.35
N PRO A 78 -4.55 16.51 16.90
CA PRO A 78 -5.54 17.26 17.66
C PRO A 78 -7.00 16.81 17.41
N PRO A 79 -7.78 16.61 18.50
CA PRO A 79 -9.20 16.14 18.48
C PRO A 79 -10.15 16.68 17.39
N HIS A 80 -10.02 17.94 17.01
CA HIS A 80 -10.91 18.62 16.03
C HIS A 80 -10.56 18.26 14.59
N ALA A 81 -9.43 17.59 14.42
CA ALA A 81 -9.01 17.12 13.11
C ALA A 81 -9.64 15.76 12.67
N PHE A 82 -10.36 15.09 13.57
CA PHE A 82 -10.91 13.72 13.36
C PHE A 82 -12.39 13.65 13.06
N PHE A 83 -12.73 13.05 11.92
CA PHE A 83 -14.09 12.95 11.41
C PHE A 83 -14.48 11.52 11.05
N LEU A 84 -15.77 11.25 10.93
CA LEU A 84 -16.30 10.01 10.47
C LEU A 84 -17.28 10.26 9.34
N VAL A 85 -17.10 9.59 8.19
CA VAL A 85 -18.08 9.55 7.11
C VAL A 85 -18.73 8.17 7.08
N LYS A 86 -20.05 8.11 7.15
CA LYS A 86 -20.73 6.87 6.82
C LYS A 86 -21.23 7.00 5.39
N PHE A 87 -20.87 6.03 4.55
CA PHE A 87 -21.33 5.99 3.19
C PHE A 87 -22.35 4.91 2.98
N TRP A 88 -23.43 5.24 2.25
CA TRP A 88 -24.36 4.25 1.66
C TRP A 88 -24.04 4.26 0.18
N ALA A 89 -23.31 3.24 -0.28
CA ALA A 89 -22.74 3.20 -1.61
C ALA A 89 -23.66 2.63 -2.67
N ASP A 90 -23.26 2.85 -3.93
CA ASP A 90 -24.03 2.48 -5.08
C ASP A 90 -23.22 1.45 -5.85
N LEU A 91 -23.61 0.18 -5.74
CA LEU A 91 -22.97 -0.93 -6.46
C LEU A 91 -23.78 -1.40 -7.68
N ASN A 92 -24.64 -0.51 -8.16
CA ASN A 92 -25.62 -0.80 -9.20
C ASN A 92 -25.16 -0.18 -10.52
N TRP A 93 -24.24 -0.87 -11.18
CA TRP A 93 -23.74 -0.52 -12.52
C TRP A 93 -23.54 -1.79 -13.37
N GLY A 110 -13.13 -1.91 -17.33
CA GLY A 110 -13.39 -0.57 -16.74
C GLY A 110 -12.18 0.06 -16.05
N PHE A 111 -12.16 1.39 -15.96
CA PHE A 111 -11.14 2.06 -15.11
C PHE A 111 -11.72 2.35 -13.72
N TYR A 112 -10.96 1.96 -12.69
CA TYR A 112 -11.37 2.13 -11.28
C TYR A 112 -10.48 3.17 -10.66
N GLY A 113 -11.13 4.25 -10.25
CA GLY A 113 -10.39 5.36 -9.72
C GLY A 113 -10.94 6.04 -8.51
N VAL A 114 -10.03 6.76 -7.86
CA VAL A 114 -10.34 7.59 -6.71
C VAL A 114 -9.84 9.03 -7.00
N SER A 115 -10.74 10.01 -7.02
CA SER A 115 -10.38 11.45 -7.15
C SER A 115 -10.67 12.17 -5.84
N SER A 116 -9.65 12.75 -5.21
CA SER A 116 -9.87 13.70 -4.09
C SER A 116 -9.24 15.08 -4.31
N GLN A 117 -9.84 16.08 -3.68
CA GLN A 117 -9.41 17.48 -3.82
C GLN A 117 -9.57 18.12 -2.48
N TYR A 118 -8.50 18.73 -2.00
CA TYR A 118 -8.53 19.51 -0.77
C TYR A 118 -8.19 20.95 -1.09
N GLU A 119 -8.37 21.82 -0.10
CA GLU A 119 -7.94 23.21 -0.21
C GLU A 119 -7.51 23.80 1.11
N SER A 120 -6.65 24.83 1.02
CA SER A 120 -6.22 25.66 2.18
C SER A 120 -5.77 27.05 1.76
N LEU A 121 -5.53 27.90 2.74
CA LEU A 121 -4.90 29.22 2.52
C LEU A 121 -3.39 29.21 2.67
N GLU A 122 -2.82 28.19 3.31
CA GLU A 122 -1.39 28.12 3.52
C GLU A 122 -0.87 27.22 2.41
N HIS A 123 0.39 27.45 1.98
CA HIS A 123 1.05 26.67 0.99
C HIS A 123 1.72 25.53 1.72
N MET A 124 1.35 24.31 1.35
CA MET A 124 1.82 23.11 2.03
C MET A 124 2.11 22.02 1.01
N THR A 125 2.81 21.02 1.48
CA THR A 125 2.89 19.77 0.79
C THR A 125 2.23 18.71 1.67
N LEU A 126 1.30 17.96 1.07
CA LEU A 126 0.54 16.90 1.83
C LEU A 126 1.05 15.49 1.69
N THR A 127 1.14 14.76 2.79
CA THR A 127 1.17 13.29 2.76
C THR A 127 -0.24 12.80 3.01
N CYS A 128 -0.72 11.93 2.11
CA CYS A 128 -2.06 11.34 2.21
C CYS A 128 -1.93 9.83 2.31
N SER A 129 -2.33 9.30 3.45
CA SER A 129 -2.27 7.87 3.77
C SER A 129 -3.70 7.28 3.93
N SER A 130 -4.09 6.40 3.02
CA SER A 130 -5.31 5.66 3.06
C SER A 130 -4.96 4.24 3.50
N LYS A 131 -5.64 3.72 4.52
CA LYS A 131 -5.42 2.34 4.99
C LYS A 131 -6.73 1.61 4.90
N VAL A 132 -6.80 0.61 4.04
CA VAL A 132 -7.99 -0.23 4.00
C VAL A 132 -7.87 -1.33 5.06
N CYS A 133 -8.93 -1.51 5.85
CA CYS A 133 -8.96 -2.50 6.92
C CYS A 133 -10.10 -3.50 6.76
N SER A 134 -9.83 -4.75 7.09
CA SER A 134 -10.77 -5.84 6.94
C SER A 134 -10.69 -6.57 8.24
N PHE A 135 -11.83 -6.67 8.93
CA PHE A 135 -11.92 -7.25 10.29
C PHE A 135 -10.92 -6.63 11.27
N GLY A 136 -10.73 -5.31 11.18
CA GLY A 136 -9.74 -4.60 12.03
C GLY A 136 -8.25 -4.82 11.72
N LYS A 137 -7.94 -5.56 10.66
CA LYS A 137 -6.58 -5.77 10.18
C LYS A 137 -6.34 -4.84 9.02
N GLN A 138 -5.23 -4.11 9.04
CA GLN A 138 -4.82 -3.36 7.88
C GLN A 138 -4.43 -4.33 6.76
N VAL A 139 -5.11 -4.24 5.62
CA VAL A 139 -4.77 -5.03 4.43
C VAL A 139 -4.23 -4.22 3.26
N VAL A 140 -4.45 -2.89 3.25
CA VAL A 140 -3.78 -2.03 2.29
C VAL A 140 -3.33 -0.75 3.00
N GLU A 141 -2.13 -0.27 2.66
CA GLU A 141 -1.78 1.12 2.91
C GLU A 141 -1.30 1.78 1.62
N LYS A 142 -1.95 2.87 1.19
CA LYS A 142 -1.56 3.67 0.00
C LYS A 142 -1.06 4.99 0.56
N VAL A 143 0.20 5.32 0.29
CA VAL A 143 0.82 6.63 0.60
C VAL A 143 1.15 7.44 -0.66
N GLU A 144 0.56 8.64 -0.71
CA GLU A 144 0.69 9.63 -1.79
C GLU A 144 1.02 11.01 -1.25
N THR A 145 1.46 11.83 -2.19
CA THR A 145 1.99 13.16 -1.94
C THR A 145 1.41 14.16 -2.95
N GLU A 146 1.06 15.35 -2.47
CA GLU A 146 0.54 16.43 -3.33
C GLU A 146 0.96 17.80 -2.77
N ARG A 147 1.58 18.58 -3.66
CA ARG A 147 2.11 19.92 -3.39
C ARG A 147 1.01 20.87 -3.73
N ALA A 148 0.92 22.00 -3.05
CA ALA A 148 -0.15 22.99 -3.30
C ALA A 148 -0.04 23.53 -4.68
N GLN A 149 -1.17 23.91 -5.27
CA GLN A 149 -1.22 24.61 -6.55
C GLN A 149 -2.08 25.84 -6.30
N LEU A 150 -1.59 27.01 -6.73
CA LEU A 150 -2.34 28.27 -6.52
C LEU A 150 -3.47 28.40 -7.48
N GLU A 151 -4.67 28.69 -6.98
CA GLU A 151 -5.81 28.89 -7.87
C GLU A 151 -6.90 29.68 -7.19
N ASP A 152 -7.44 30.67 -7.92
CA ASP A 152 -8.45 31.62 -7.42
C ASP A 152 -8.19 32.07 -5.96
N GLY A 153 -6.95 32.43 -5.68
CA GLY A 153 -6.56 32.96 -4.38
C GLY A 153 -6.57 32.01 -3.19
N ARG A 154 -6.59 30.70 -3.45
CA ARG A 154 -6.37 29.68 -2.41
C ARG A 154 -5.48 28.59 -3.00
N PHE A 155 -4.96 27.73 -2.14
CA PHE A 155 -4.19 26.57 -2.59
C PHE A 155 -5.06 25.32 -2.69
N VAL A 156 -5.04 24.69 -3.87
CA VAL A 156 -5.74 23.41 -4.08
C VAL A 156 -4.77 22.23 -4.15
N TYR A 157 -5.24 21.10 -3.64
CA TYR A 157 -4.48 19.86 -3.63
C TYR A 157 -5.37 18.83 -4.35
N ARG A 158 -4.99 18.48 -5.59
CA ARG A 158 -5.77 17.60 -6.45
C ARG A 158 -5.11 16.24 -6.60
N LEU A 159 -5.69 15.22 -5.97
CA LEU A 159 -5.23 13.82 -6.17
C LEU A 159 -6.32 13.14 -7.03
N LEU A 160 -6.19 13.27 -8.34
CA LEU A 160 -7.30 12.94 -9.24
C LEU A 160 -7.05 11.65 -9.98
N ARG A 161 -8.13 10.88 -10.16
CA ARG A 161 -8.15 9.63 -10.95
C ARG A 161 -6.98 8.73 -10.63
N SER A 162 -6.69 8.62 -9.32
CA SER A 162 -5.69 7.71 -8.79
C SER A 162 -6.26 6.26 -8.96
N PRO A 163 -5.49 5.34 -9.54
CA PRO A 163 -6.10 4.04 -9.78
C PRO A 163 -6.33 3.27 -8.46
N MET A 164 -7.59 2.91 -8.23
CA MET A 164 -8.02 2.16 -7.05
C MET A 164 -7.24 0.86 -6.99
N CYS A 165 -6.69 0.50 -5.83
CA CYS A 165 -5.91 -0.74 -5.67
C CYS A 165 -6.75 -1.95 -6.03
N GLU A 166 -6.07 -3.03 -6.38
CA GLU A 166 -6.73 -4.17 -6.97
C GLU A 166 -7.40 -5.00 -5.91
N TYR A 167 -6.97 -4.90 -4.65
CA TYR A 167 -7.72 -5.50 -3.59
C TYR A 167 -9.18 -5.01 -3.65
N LEU A 168 -9.38 -3.69 -3.69
CA LEU A 168 -10.69 -3.13 -3.71
C LEU A 168 -11.44 -3.39 -4.99
N VAL A 169 -10.76 -3.37 -6.12
CA VAL A 169 -11.47 -3.62 -7.41
C VAL A 169 -12.03 -5.05 -7.40
N ASN A 170 -11.20 -6.01 -6.99
CA ASN A 170 -11.63 -7.40 -6.83
C ASN A 170 -12.73 -7.56 -5.79
N PHE A 171 -12.53 -6.95 -4.62
CA PHE A 171 -13.55 -6.89 -3.60
C PHE A 171 -14.93 -6.40 -4.11
N LEU A 172 -14.93 -5.32 -4.89
CA LEU A 172 -16.15 -4.74 -5.42
C LEU A 172 -16.82 -5.61 -6.45
N HIS A 173 -16.03 -6.28 -7.29
CA HIS A 173 -16.52 -7.23 -8.31
CA HIS A 173 -16.56 -7.19 -8.29
C HIS A 173 -17.28 -8.38 -7.63
N LYS A 174 -16.72 -8.85 -6.51
CA LYS A 174 -17.37 -9.89 -5.72
C LYS A 174 -18.63 -9.38 -5.07
N LEU A 175 -18.47 -8.27 -4.37
CA LEU A 175 -19.56 -7.66 -3.63
C LEU A 175 -20.80 -7.46 -4.52
N ARG A 176 -20.61 -7.04 -5.76
CA ARG A 176 -21.78 -6.77 -6.59
C ARG A 176 -22.48 -8.03 -7.15
N GLN A 177 -21.82 -9.19 -7.09
CA GLN A 177 -22.46 -10.48 -7.38
C GLN A 177 -23.54 -10.87 -6.36
N LEU A 178 -23.47 -10.39 -5.11
CA LEU A 178 -24.35 -10.81 -4.05
C LEU A 178 -25.83 -10.54 -4.38
N PRO A 179 -26.69 -11.52 -4.08
CA PRO A 179 -28.07 -11.41 -4.49
C PRO A 179 -28.93 -10.51 -3.65
N GLU A 180 -28.49 -10.10 -2.45
CA GLU A 180 -29.28 -9.24 -1.60
C GLU A 180 -28.45 -8.14 -0.95
N ARG A 181 -29.03 -6.95 -0.83
CA ARG A 181 -28.45 -5.80 -0.12
C ARG A 181 -28.06 -6.17 1.29
N TYR A 182 -28.92 -6.90 1.99
CA TYR A 182 -28.62 -7.23 3.39
C TYR A 182 -27.34 -8.08 3.49
N MET A 183 -27.06 -8.88 2.47
CA MET A 183 -25.80 -9.68 2.43
C MET A 183 -24.54 -8.77 2.22
N MET A 184 -24.65 -7.86 1.27
CA MET A 184 -23.65 -6.78 1.05
C MET A 184 -23.38 -6.00 2.34
N ASN A 185 -24.41 -5.59 3.09
CA ASN A 185 -24.15 -4.88 4.36
C ASN A 185 -23.48 -5.71 5.42
N SER A 186 -23.83 -6.99 5.52
CA SER A 186 -23.15 -7.92 6.41
C SER A 186 -21.63 -8.02 6.15
N VAL A 187 -21.29 -8.15 4.89
CA VAL A 187 -19.90 -8.19 4.47
C VAL A 187 -19.24 -6.87 4.77
N LEU A 188 -19.95 -5.77 4.48
CA LEU A 188 -19.43 -4.42 4.70
C LEU A 188 -19.30 -3.98 6.14
N GLU A 189 -19.93 -4.67 7.09
CA GLU A 189 -19.72 -4.33 8.53
C GLU A 189 -18.22 -4.53 8.94
N ASN A 190 -17.50 -5.38 8.21
CA ASN A 190 -16.10 -5.67 8.51
C ASN A 190 -15.09 -4.89 7.65
N PHE A 191 -15.55 -3.87 6.92
CA PHE A 191 -14.69 -3.19 5.99
C PHE A 191 -14.73 -1.71 6.19
N THR A 192 -13.54 -1.12 6.41
CA THR A 192 -13.41 0.28 6.73
C THR A 192 -12.16 0.84 6.13
N ILE A 193 -12.08 2.16 6.06
CA ILE A 193 -10.96 2.90 5.52
C ILE A 193 -10.59 4.01 6.45
N LEU A 194 -9.30 4.23 6.69
CA LEU A 194 -8.81 5.35 7.50
C LEU A 194 -7.90 6.13 6.64
N GLN A 195 -8.20 7.43 6.49
CA GLN A 195 -7.35 8.41 5.76
C GLN A 195 -6.77 9.41 6.69
N VAL A 196 -5.45 9.55 6.66
CA VAL A 196 -4.69 10.51 7.49
C VAL A 196 -4.00 11.42 6.49
N VAL A 197 -4.19 12.72 6.65
CA VAL A 197 -3.56 13.73 5.83
C VAL A 197 -2.74 14.56 6.82
N THR A 198 -1.43 14.64 6.53
CA THR A 198 -0.43 15.30 7.39
C THR A 198 0.32 16.34 6.57
N ASN A 199 0.87 17.32 7.26
CA ASN A 199 1.74 18.31 6.63
C ASN A 199 3.06 17.57 6.49
N ARG A 200 3.45 17.24 5.25
CA ARG A 200 4.73 16.54 4.99
C ARG A 200 5.91 17.18 5.70
N ASP A 201 6.07 18.50 5.57
CA ASP A 201 7.26 19.16 6.13
C ASP A 201 7.29 19.24 7.67
N THR A 202 6.14 19.41 8.32
CA THR A 202 6.09 19.46 9.79
C THR A 202 5.69 18.14 10.45
N GLN A 203 5.08 17.25 9.68
CA GLN A 203 4.61 15.96 10.19
C GLN A 203 3.31 16.08 11.03
N GLU A 204 2.77 17.29 11.18
CA GLU A 204 1.55 17.54 11.94
C GLU A 204 0.35 16.91 11.25
N LEU A 205 -0.57 16.35 12.03
CA LEU A 205 -1.85 15.85 11.48
C LEU A 205 -2.69 17.02 11.11
N LEU A 206 -3.28 16.99 9.92
CA LEU A 206 -4.23 18.00 9.46
C LEU A 206 -5.65 17.46 9.43
N LEU A 207 -5.80 16.18 9.05
CA LEU A 207 -7.12 15.54 8.91
C LEU A 207 -6.98 14.06 9.10
N CYS A 208 -7.91 13.46 9.83
CA CYS A 208 -8.03 12.01 9.96
C CYS A 208 -9.49 11.66 9.80
N THR A 209 -9.81 10.92 8.76
CA THR A 209 -11.15 10.49 8.50
C THR A 209 -11.28 8.99 8.48
N ALA A 210 -12.17 8.50 9.34
CA ALA A 210 -12.68 7.14 9.32
C ALA A 210 -13.87 7.02 8.40
N TYR A 211 -13.86 6.01 7.52
CA TYR A 211 -14.99 5.71 6.65
C TYR A 211 -15.65 4.34 6.97
N VAL A 212 -16.97 4.32 7.07
CA VAL A 212 -17.72 3.06 7.29
C VAL A 212 -18.72 2.98 6.19
N PHE A 213 -19.11 1.74 5.84
CA PHE A 213 -19.91 1.46 4.63
C PHE A 213 -21.16 0.53 4.79
N GLU A 214 -22.21 0.90 4.04
CA GLU A 214 -23.37 0.09 3.75
C GLU A 214 -23.63 0.33 2.29
N VAL A 215 -24.64 -0.32 1.75
CA VAL A 215 -25.07 -0.05 0.38
C VAL A 215 -26.43 0.61 0.48
N SER A 216 -26.76 1.35 -0.57
CA SER A 216 -28.07 1.94 -0.75
C SER A 216 -28.74 1.21 -1.90
N THR A 217 -30.02 1.48 -2.06
CA THR A 217 -30.73 1.18 -3.31
C THR A 217 -30.36 2.24 -4.35
N SER A 218 -30.47 1.87 -5.63
CA SER A 218 -30.30 2.83 -6.75
C SER A 218 -31.45 3.89 -6.83
N GLU A 219 -32.67 3.45 -6.53
CA GLU A 219 -33.79 4.36 -6.20
C GLU A 219 -33.32 5.53 -5.29
N ARG A 220 -32.80 5.19 -4.10
CA ARG A 220 -32.36 6.22 -3.14
C ARG A 220 -31.04 6.88 -3.54
N GLY A 221 -30.17 6.16 -4.25
CA GLY A 221 -28.86 6.68 -4.71
C GLY A 221 -27.83 6.80 -3.56
N ALA A 222 -26.56 7.05 -3.92
CA ALA A 222 -25.49 7.28 -2.89
C ALA A 222 -25.82 8.41 -1.87
N GLN A 223 -25.40 8.18 -0.63
CA GLN A 223 -25.58 9.10 0.46
C GLN A 223 -24.40 9.01 1.39
N HIS A 224 -24.16 10.08 2.15
CA HIS A 224 -23.13 10.11 3.17
C HIS A 224 -23.61 10.91 4.32
N HIS A 225 -22.99 10.74 5.48
CA HIS A 225 -23.31 11.52 6.70
CA HIS A 225 -23.27 11.57 6.64
C HIS A 225 -21.99 11.73 7.41
N ILE A 226 -21.62 13.01 7.59
CA ILE A 226 -20.32 13.36 8.12
C ILE A 226 -20.59 13.66 9.56
N TYR A 227 -19.72 13.16 10.41
CA TYR A 227 -19.77 13.35 11.83
C TYR A 227 -18.40 13.82 12.31
N ARG A 228 -18.36 14.43 13.49
CA ARG A 228 -17.13 14.71 14.19
C ARG A 228 -16.83 13.58 15.17
N LEU A 229 -15.54 13.31 15.38
CA LEU A 229 -15.15 12.34 16.36
C LEU A 229 -14.73 13.07 17.63
N VAL A 230 -15.33 12.64 18.76
CA VAL A 230 -15.14 13.25 20.08
C VAL A 230 -14.74 12.22 21.12
N ARG A 231 -14.25 12.72 22.26
CA ARG A 231 -13.80 11.85 23.34
C ARG A 231 -13.62 12.65 24.63
N ALA B 5 18.68 -9.72 -20.31
CA ALA B 5 19.01 -8.89 -19.08
C ALA B 5 20.10 -9.52 -18.21
N ARG B 6 20.96 -8.67 -17.67
CA ARG B 6 22.11 -9.09 -16.86
C ARG B 6 21.77 -9.12 -15.38
N GLY B 7 21.02 -8.13 -14.91
CA GLY B 7 20.56 -8.07 -13.52
C GLY B 7 19.08 -7.71 -13.41
N LEU B 8 18.70 -7.28 -12.23
CA LEU B 8 17.32 -6.95 -11.97
C LEU B 8 17.01 -5.51 -12.42
N GLY B 9 16.45 -5.38 -13.62
CA GLY B 9 16.25 -4.09 -14.21
C GLY B 9 16.05 -4.19 -15.69
N THR B 10 15.51 -3.09 -16.22
CA THR B 10 15.36 -2.86 -17.64
C THR B 10 16.16 -1.59 -17.96
N ALA B 11 16.14 -1.16 -19.21
CA ALA B 11 16.86 0.04 -19.60
C ALA B 11 16.21 1.25 -19.04
N ARG B 12 14.93 1.16 -18.70
CA ARG B 12 14.19 2.29 -18.13
C ARG B 12 14.27 2.41 -16.65
N LEU B 13 14.50 1.28 -15.95
CA LEU B 13 14.50 1.28 -14.49
C LEU B 13 15.23 0.09 -13.96
N GLN B 14 16.31 0.38 -13.22
CA GLN B 14 17.18 -0.61 -12.59
C GLN B 14 17.01 -0.57 -11.10
N LEU B 15 17.00 -1.76 -10.50
CA LEU B 15 17.10 -1.86 -9.07
C LEU B 15 18.56 -1.66 -8.70
N VAL B 16 18.82 -0.76 -7.78
CA VAL B 16 20.18 -0.50 -7.37
C VAL B 16 20.40 -1.36 -6.14
N GLU B 17 19.51 -1.23 -5.16
CA GLU B 17 19.63 -1.92 -3.92
C GLU B 17 18.27 -2.21 -3.32
N PHE B 18 18.16 -3.39 -2.71
CA PHE B 18 17.00 -3.78 -1.90
C PHE B 18 17.48 -4.51 -0.62
N SER B 19 16.93 -4.16 0.53
CA SER B 19 17.28 -4.88 1.76
C SER B 19 16.13 -4.80 2.75
N ALA B 20 15.98 -5.83 3.56
CA ALA B 20 15.04 -5.82 4.68
C ALA B 20 15.91 -6.15 5.86
N PHE B 21 15.72 -5.46 6.98
CA PHE B 21 16.71 -5.55 8.05
C PHE B 21 16.12 -5.28 9.40
N VAL B 22 16.91 -5.55 10.42
CA VAL B 22 16.57 -5.13 11.82
C VAL B 22 17.82 -4.55 12.50
N GLU B 23 17.60 -3.46 13.20
CA GLU B 23 18.62 -2.79 13.99
C GLU B 23 18.18 -3.02 15.41
N PRO B 24 19.01 -3.68 16.26
CA PRO B 24 18.56 -3.98 17.61
C PRO B 24 18.47 -2.70 18.38
N PRO B 25 17.78 -2.69 19.53
CA PRO B 25 17.56 -1.41 20.27
C PRO B 25 18.85 -0.67 20.66
N ASP B 26 19.91 -1.43 20.88
CA ASP B 26 21.25 -0.91 21.17
C ASP B 26 22.09 -0.49 19.95
N ALA B 27 21.45 -0.17 18.81
CA ALA B 27 22.18 0.26 17.61
C ALA B 27 22.70 1.69 17.79
N VAL B 28 21.97 2.47 18.62
CA VAL B 28 22.37 3.84 19.01
C VAL B 28 23.73 3.91 19.71
N ASP B 29 24.02 2.94 20.58
CA ASP B 29 25.30 2.85 21.31
C ASP B 29 26.39 2.31 20.40
N SER B 30 26.20 1.09 19.91
CA SER B 30 27.07 0.53 18.87
C SER B 30 26.20 0.06 17.69
N TYR B 31 26.42 0.66 16.52
CA TYR B 31 25.59 0.42 15.37
C TYR B 31 25.79 -0.97 14.77
N GLN B 32 24.68 -1.68 14.66
CA GLN B 32 24.62 -2.86 13.81
C GLN B 32 23.25 -3.02 13.19
N ARG B 33 23.21 -3.86 12.16
CA ARG B 33 21.96 -4.32 11.64
C ARG B 33 22.09 -5.72 11.05
N HIS B 34 21.00 -6.48 11.17
CA HIS B 34 20.90 -7.79 10.63
C HIS B 34 20.11 -7.69 9.31
N LEU B 35 20.66 -8.20 8.23
CA LEU B 35 19.99 -8.31 6.94
C LEU B 35 19.26 -9.65 6.85
N PHE B 36 17.92 -9.62 6.73
CA PHE B 36 17.14 -10.79 6.42
C PHE B 36 17.34 -11.16 4.97
N VAL B 37 17.29 -10.17 4.09
CA VAL B 37 17.57 -10.39 2.64
C VAL B 37 18.22 -9.15 2.14
N HIS B 38 18.98 -9.28 1.05
CA HIS B 38 19.77 -8.15 0.56
C HIS B 38 20.11 -8.35 -0.92
N ILE B 39 19.83 -7.36 -1.77
CA ILE B 39 20.29 -7.36 -3.18
C ILE B 39 21.03 -6.06 -3.41
N SER B 40 22.26 -6.16 -3.87
CA SER B 40 23.01 -4.98 -4.23
C SER B 40 23.42 -5.07 -5.70
N GLN B 41 23.09 -4.05 -6.48
CA GLN B 41 23.53 -3.96 -7.85
C GLN B 41 24.26 -2.66 -8.09
N HIS B 42 25.10 -2.23 -7.14
CA HIS B 42 25.85 -0.96 -7.24
C HIS B 42 26.97 -0.95 -8.32
N PRO B 49 27.22 -11.82 -18.15
CA PRO B 49 26.44 -13.06 -18.35
C PRO B 49 24.91 -12.80 -18.31
N PRO B 50 24.11 -13.50 -19.16
CA PRO B 50 22.65 -13.36 -18.98
C PRO B 50 22.13 -14.13 -17.74
N LEU B 51 20.93 -13.79 -17.29
CA LEU B 51 20.29 -14.55 -16.24
C LEU B 51 19.54 -15.76 -16.80
N GLU B 52 19.43 -16.78 -15.95
CA GLU B 52 18.63 -17.94 -16.25
C GLU B 52 17.19 -17.49 -16.30
N SER B 53 16.34 -18.39 -16.76
CA SER B 53 14.94 -18.09 -16.92
C SER B 53 14.02 -19.12 -16.21
N VAL B 54 12.81 -18.69 -15.90
CA VAL B 54 11.80 -19.56 -15.27
C VAL B 54 10.49 -19.23 -15.92
N ASP B 55 9.72 -20.26 -16.30
CA ASP B 55 8.47 -20.04 -16.94
C ASP B 55 7.45 -19.59 -15.91
N VAL B 56 6.84 -18.44 -16.17
CA VAL B 56 5.94 -17.79 -15.26
C VAL B 56 4.70 -18.61 -14.97
N ARG B 57 4.34 -19.53 -15.87
CA ARG B 57 3.13 -20.35 -15.62
C ARG B 57 3.33 -21.25 -14.37
N GLN B 58 4.56 -21.72 -14.16
CA GLN B 58 4.93 -22.48 -12.92
C GLN B 58 4.63 -21.79 -11.56
N ILE B 59 4.56 -20.46 -11.51
CA ILE B 59 4.37 -19.73 -10.23
C ILE B 59 3.04 -18.97 -10.12
N TYR B 60 2.20 -19.03 -11.14
CA TYR B 60 0.87 -18.39 -11.14
C TYR B 60 0.06 -18.62 -9.85
N ASP B 61 0.16 -19.86 -9.32
CA ASP B 61 -0.65 -20.29 -8.17
C ASP B 61 -0.17 -19.74 -6.84
N LYS B 62 1.07 -19.25 -6.81
CA LYS B 62 1.67 -18.69 -5.62
C LYS B 62 1.34 -17.20 -5.46
N PHE B 63 0.62 -16.60 -6.40
CA PHE B 63 0.15 -15.20 -6.26
C PHE B 63 -1.33 -15.14 -6.57
N PRO B 64 -2.00 -14.02 -6.27
CA PRO B 64 -3.45 -13.92 -6.61
C PRO B 64 -3.70 -14.12 -8.12
N GLU B 65 -4.92 -14.46 -8.53
CA GLU B 65 -5.19 -14.76 -9.95
C GLU B 65 -6.28 -13.88 -10.61
N LYS B 66 -6.55 -12.69 -10.06
CA LYS B 66 -7.74 -11.94 -10.51
C LYS B 66 -7.55 -10.50 -10.99
N LYS B 67 -6.33 -9.96 -10.95
CA LYS B 67 -6.13 -8.53 -11.30
C LYS B 67 -4.64 -8.15 -11.42
N GLY B 68 -4.05 -7.49 -10.43
CA GLY B 68 -2.59 -7.48 -10.25
C GLY B 68 -2.13 -8.82 -9.69
N GLY B 69 -2.72 -9.91 -10.21
CA GLY B 69 -2.14 -11.24 -10.14
C GLY B 69 -1.20 -11.37 -11.34
N LEU B 70 -0.28 -12.32 -11.26
CA LEU B 70 0.76 -12.44 -12.28
C LEU B 70 0.24 -12.55 -13.67
N ARG B 71 -0.80 -13.35 -13.86
CA ARG B 71 -1.22 -13.68 -15.22
C ARG B 71 -1.63 -12.42 -15.93
N GLU B 72 -2.49 -11.65 -15.26
CA GLU B 72 -3.01 -10.44 -15.86
C GLU B 72 -1.90 -9.42 -16.05
N LEU B 73 -0.98 -9.31 -15.08
CA LEU B 73 0.14 -8.35 -15.22
C LEU B 73 1.04 -8.75 -16.36
N TYR B 74 1.41 -10.01 -16.43
CA TYR B 74 2.22 -10.51 -17.54
C TYR B 74 1.52 -10.31 -18.87
N ASP B 75 0.21 -10.60 -18.94
CA ASP B 75 -0.62 -10.27 -20.15
C ASP B 75 -0.52 -8.77 -20.53
N ARG B 76 -0.65 -7.87 -19.57
CA ARG B 76 -0.48 -6.41 -19.81
C ARG B 76 0.91 -6.06 -20.28
N GLY B 77 1.94 -6.76 -19.77
CA GLY B 77 3.31 -6.60 -20.24
C GLY B 77 3.93 -5.34 -19.72
N PRO B 78 5.17 -5.03 -20.10
CA PRO B 78 5.95 -5.75 -21.05
C PRO B 78 6.66 -6.94 -20.45
N PRO B 79 6.83 -8.04 -21.20
CA PRO B 79 7.38 -9.25 -20.64
C PRO B 79 8.80 -9.15 -20.18
N HIS B 80 9.59 -8.28 -20.78
CA HIS B 80 10.99 -8.16 -20.34
C HIS B 80 11.16 -7.59 -18.91
N ALA B 81 10.11 -7.00 -18.33
CA ALA B 81 10.14 -6.37 -17.00
C ALA B 81 9.96 -7.31 -15.81
N PHE B 82 9.76 -8.61 -16.08
CA PHE B 82 9.41 -9.58 -15.06
C PHE B 82 10.57 -10.49 -14.61
N PHE B 83 10.74 -10.57 -13.29
CA PHE B 83 11.84 -11.20 -12.64
C PHE B 83 11.35 -12.02 -11.47
N LEU B 84 12.11 -13.06 -11.18
CA LEU B 84 11.87 -13.91 -10.06
C LEU B 84 13.14 -13.89 -9.26
N VAL B 85 13.03 -13.58 -7.97
CA VAL B 85 14.13 -13.64 -7.03
C VAL B 85 13.82 -14.72 -6.00
N LYS B 86 14.72 -15.68 -5.87
CA LYS B 86 14.67 -16.63 -4.79
C LYS B 86 15.65 -16.13 -3.76
N PHE B 87 15.19 -16.05 -2.51
CA PHE B 87 15.95 -15.58 -1.35
C PHE B 87 16.11 -16.75 -0.41
N TRP B 88 17.33 -16.89 0.12
CA TRP B 88 17.61 -17.67 1.27
C TRP B 88 17.75 -16.65 2.37
N ALA B 89 16.75 -16.57 3.22
CA ALA B 89 16.69 -15.53 4.23
C ALA B 89 17.44 -15.95 5.50
N ASP B 90 18.11 -15.00 6.14
CA ASP B 90 18.85 -15.20 7.32
C ASP B 90 17.94 -14.79 8.47
N LEU B 91 17.48 -15.78 9.23
CA LEU B 91 16.63 -15.55 10.42
C LEU B 91 17.34 -15.77 11.73
N ASN B 92 18.62 -15.40 11.77
CA ASN B 92 19.44 -15.64 12.92
C ASN B 92 19.91 -14.34 13.53
N TRP B 93 19.16 -13.77 14.48
CA TRP B 93 19.58 -12.49 15.05
C TRP B 93 19.24 -12.36 16.53
N SER B 108 11.75 -8.29 21.08
CA SER B 108 12.05 -7.37 19.97
C SER B 108 12.26 -5.92 20.41
N GLY B 109 11.39 -5.01 19.99
CA GLY B 109 11.53 -3.59 20.28
C GLY B 109 12.68 -2.92 19.55
N GLY B 110 13.32 -3.66 18.62
CA GLY B 110 14.30 -3.10 17.65
C GLY B 110 13.58 -2.56 16.42
N PHE B 111 14.28 -1.91 15.49
CA PHE B 111 13.65 -1.34 14.28
C PHE B 111 13.74 -2.28 13.09
N TYR B 112 12.60 -2.59 12.48
CA TYR B 112 12.44 -3.42 11.32
C TYR B 112 12.10 -2.56 10.12
N GLY B 113 12.92 -2.67 9.07
CA GLY B 113 12.86 -1.77 7.97
C GLY B 113 13.16 -2.41 6.66
N VAL B 114 12.69 -1.75 5.60
CA VAL B 114 12.84 -2.14 4.21
C VAL B 114 13.33 -0.88 3.48
N SER B 115 14.41 -1.01 2.73
CA SER B 115 15.02 0.08 1.96
C SER B 115 15.21 -0.40 0.55
N SER B 116 14.81 0.45 -0.41
CA SER B 116 14.89 0.21 -1.86
C SER B 116 15.43 1.43 -2.58
N GLN B 117 16.17 1.17 -3.64
CA GLN B 117 16.65 2.20 -4.47
C GLN B 117 16.62 1.74 -5.90
N TYR B 118 16.13 2.63 -6.75
CA TYR B 118 16.12 2.43 -8.17
C TYR B 118 16.76 3.63 -8.94
N GLU B 119 17.05 3.39 -10.21
CA GLU B 119 17.68 4.32 -11.07
C GLU B 119 17.05 4.28 -12.44
N SER B 120 16.96 5.45 -13.07
CA SER B 120 16.55 5.58 -14.47
C SER B 120 17.29 6.72 -15.14
N LEU B 121 17.20 6.77 -16.48
CA LEU B 121 17.61 7.95 -17.26
C LEU B 121 16.48 8.96 -17.41
N GLU B 122 15.23 8.55 -17.20
CA GLU B 122 14.12 9.51 -17.29
C GLU B 122 13.63 9.93 -15.91
N HIS B 123 13.07 11.12 -15.85
CA HIS B 123 12.43 11.67 -14.70
C HIS B 123 10.99 11.19 -14.72
N MET B 124 10.63 10.43 -13.70
CA MET B 124 9.27 9.91 -13.59
C MET B 124 8.85 10.04 -12.14
N THR B 125 7.59 9.80 -11.87
CA THR B 125 7.18 9.51 -10.54
C THR B 125 6.68 8.05 -10.55
N LEU B 126 7.25 7.27 -9.63
CA LEU B 126 7.03 5.84 -9.49
C LEU B 126 5.96 5.55 -8.46
N THR B 127 5.14 4.56 -8.73
CA THR B 127 4.32 3.93 -7.70
C THR B 127 4.95 2.55 -7.45
N CYS B 128 5.26 2.26 -6.18
CA CYS B 128 5.76 0.95 -5.81
CA CYS B 128 5.77 0.97 -5.78
C CYS B 128 4.79 0.27 -4.88
N SER B 129 4.26 -0.86 -5.35
CA SER B 129 3.38 -1.71 -4.62
C SER B 129 4.12 -2.97 -4.20
N SER B 130 4.12 -3.30 -2.92
CA SER B 130 4.52 -4.60 -2.44
C SER B 130 3.34 -5.37 -1.87
N LYS B 131 3.01 -6.53 -2.44
CA LYS B 131 1.89 -7.38 -2.01
C LYS B 131 2.42 -8.68 -1.35
N VAL B 132 2.25 -8.80 -0.03
CA VAL B 132 2.53 -10.02 0.72
C VAL B 132 1.40 -11.01 0.59
N CYS B 133 1.73 -12.24 0.21
CA CYS B 133 0.73 -13.30 -0.02
C CYS B 133 1.02 -14.58 0.77
N SER B 134 -0.06 -15.19 1.25
CA SER B 134 -0.05 -16.45 1.98
C SER B 134 -0.91 -17.43 1.22
N PHE B 135 -0.32 -18.53 0.77
CA PHE B 135 -1.00 -19.50 -0.11
C PHE B 135 -1.58 -18.82 -1.36
N GLY B 136 -0.82 -17.88 -1.92
CA GLY B 136 -1.24 -17.14 -3.11
C GLY B 136 -2.37 -16.14 -2.93
N LYS B 137 -2.63 -15.72 -1.72
CA LYS B 137 -3.70 -14.79 -1.45
C LYS B 137 -3.10 -13.61 -0.73
N GLN B 138 -3.49 -12.43 -1.17
CA GLN B 138 -2.97 -11.20 -0.62
C GLN B 138 -3.44 -11.06 0.81
N VAL B 139 -2.54 -10.60 1.67
CA VAL B 139 -2.74 -10.47 3.09
C VAL B 139 -2.51 -9.02 3.47
N VAL B 140 -1.34 -8.48 3.15
CA VAL B 140 -1.10 -7.05 3.22
C VAL B 140 -0.48 -6.51 1.94
N GLU B 141 -0.60 -5.20 1.78
CA GLU B 141 -0.13 -4.48 0.65
C GLU B 141 0.29 -3.09 1.06
N LYS B 142 1.44 -2.64 0.56
CA LYS B 142 1.90 -1.29 0.76
C LYS B 142 2.12 -0.65 -0.59
N VAL B 143 1.65 0.58 -0.76
CA VAL B 143 1.73 1.30 -1.99
C VAL B 143 2.30 2.69 -1.66
N GLU B 144 3.48 3.01 -2.22
CA GLU B 144 4.25 4.23 -1.95
C GLU B 144 4.53 4.88 -3.29
N THR B 145 4.52 6.21 -3.34
CA THR B 145 5.02 6.91 -4.54
C THR B 145 6.34 7.52 -4.19
N GLU B 146 7.18 7.70 -5.21
CA GLU B 146 8.44 8.38 -5.05
C GLU B 146 8.80 9.14 -6.33
N ARG B 147 8.93 10.44 -6.18
CA ARG B 147 9.38 11.31 -7.23
C ARG B 147 10.90 11.18 -7.33
N ALA B 148 11.43 11.32 -8.54
CA ALA B 148 12.85 11.32 -8.83
C ALA B 148 13.66 12.48 -8.25
N GLN B 149 14.93 12.21 -8.03
CA GLN B 149 15.89 13.15 -7.52
C GLN B 149 17.08 13.09 -8.44
N LEU B 150 17.44 14.24 -9.02
CA LEU B 150 18.41 14.30 -10.13
C LEU B 150 19.80 14.24 -9.54
N GLU B 151 20.41 13.06 -9.62
CA GLU B 151 21.81 12.79 -9.24
C GLU B 151 22.74 12.78 -10.47
N ASP B 152 23.83 12.02 -10.47
CA ASP B 152 24.95 12.24 -11.41
C ASP B 152 24.80 11.66 -12.84
N GLY B 153 24.15 12.42 -13.71
CA GLY B 153 23.83 11.98 -15.07
C GLY B 153 22.75 10.89 -15.09
N ARG B 154 21.88 10.91 -14.07
CA ARG B 154 20.92 9.83 -13.81
C ARG B 154 19.96 10.19 -12.67
N PHE B 155 18.71 9.73 -12.76
CA PHE B 155 17.71 9.96 -11.72
C PHE B 155 17.73 8.81 -10.66
N VAL B 156 17.38 9.14 -9.42
CA VAL B 156 17.27 8.20 -8.34
C VAL B 156 15.97 8.32 -7.57
N TYR B 157 15.53 7.15 -7.11
CA TYR B 157 14.29 6.99 -6.42
C TYR B 157 14.65 6.25 -5.17
N ARG B 158 14.42 6.88 -4.02
CA ARG B 158 14.93 6.39 -2.72
C ARG B 158 13.76 6.15 -1.82
N LEU B 159 13.55 4.87 -1.49
CA LEU B 159 12.48 4.52 -0.55
C LEU B 159 13.20 3.88 0.62
N LEU B 160 13.87 4.70 1.41
CA LEU B 160 14.76 4.21 2.44
C LEU B 160 14.09 4.11 3.78
N ARG B 161 14.38 3.05 4.52
CA ARG B 161 13.94 2.91 5.91
C ARG B 161 12.42 2.93 6.17
N SER B 162 11.64 2.42 5.22
CA SER B 162 10.22 2.12 5.41
C SER B 162 10.10 1.20 6.60
N PRO B 163 9.21 1.51 7.56
CA PRO B 163 9.04 0.57 8.66
C PRO B 163 8.33 -0.64 8.12
N MET B 164 8.82 -1.81 8.53
CA MET B 164 8.19 -3.06 8.12
C MET B 164 6.79 -3.14 8.76
N CYS B 165 5.79 -3.50 7.96
CA CYS B 165 4.43 -3.85 8.45
C CYS B 165 4.54 -4.83 9.62
N GLU B 166 3.82 -4.51 10.69
CA GLU B 166 3.83 -5.27 11.94
C GLU B 166 3.45 -6.77 11.73
N TYR B 167 2.71 -7.04 10.69
CA TYR B 167 2.34 -8.37 10.38
C TYR B 167 3.53 -9.22 9.88
N LEU B 168 4.37 -8.62 9.05
CA LEU B 168 5.62 -9.22 8.59
C LEU B 168 6.61 -9.39 9.77
N VAL B 169 6.72 -8.35 10.62
CA VAL B 169 7.48 -8.48 11.84
C VAL B 169 7.00 -9.69 12.67
N ASN B 170 5.70 -9.79 12.95
CA ASN B 170 5.15 -10.86 13.73
C ASN B 170 5.49 -12.18 13.09
N PHE B 171 5.27 -12.28 11.78
CA PHE B 171 5.58 -13.50 11.04
C PHE B 171 7.04 -13.94 11.21
N LEU B 172 8.00 -12.99 11.12
CA LEU B 172 9.41 -13.33 11.31
C LEU B 172 9.63 -13.82 12.72
N HIS B 173 8.98 -13.21 13.71
CA HIS B 173 9.21 -13.68 15.09
C HIS B 173 8.77 -15.13 15.25
N LYS B 174 7.65 -15.44 14.62
CA LYS B 174 7.11 -16.82 14.67
C LYS B 174 8.00 -17.82 13.93
N LEU B 175 8.32 -17.56 12.65
CA LEU B 175 9.26 -18.38 11.92
C LEU B 175 10.52 -18.70 12.71
N ARG B 176 11.09 -17.69 13.33
CA ARG B 176 12.41 -17.76 14.00
C ARG B 176 12.40 -18.82 15.10
N GLN B 177 11.24 -18.93 15.78
CA GLN B 177 11.05 -19.88 16.87
C GLN B 177 10.68 -21.34 16.45
N LEU B 178 10.41 -21.60 15.18
CA LEU B 178 10.17 -22.95 14.69
C LEU B 178 11.33 -23.87 15.02
N PRO B 179 11.03 -25.14 15.36
CA PRO B 179 12.11 -26.01 15.80
C PRO B 179 13.01 -26.58 14.75
N GLU B 180 12.69 -26.47 13.46
CA GLU B 180 13.48 -27.10 12.43
C GLU B 180 13.43 -26.27 11.17
N ARG B 181 14.58 -26.19 10.52
CA ARG B 181 14.74 -25.55 9.23
C ARG B 181 13.72 -26.06 8.23
N TYR B 182 13.52 -27.37 8.16
CA TYR B 182 12.65 -27.93 7.13
C TYR B 182 11.19 -27.45 7.33
N MET B 183 10.78 -27.26 8.59
CA MET B 183 9.45 -26.68 8.89
C MET B 183 9.41 -25.20 8.48
N MET B 184 10.47 -24.44 8.80
CA MET B 184 10.64 -23.06 8.26
C MET B 184 10.46 -23.06 6.77
N ASN B 185 11.14 -23.97 6.08
CA ASN B 185 10.94 -24.08 4.64
C ASN B 185 9.57 -24.49 4.16
N SER B 186 8.86 -25.31 4.94
CA SER B 186 7.51 -25.71 4.53
C SER B 186 6.57 -24.54 4.67
N VAL B 187 6.66 -23.81 5.77
CA VAL B 187 5.85 -22.63 5.92
C VAL B 187 6.13 -21.61 4.77
N LEU B 188 7.41 -21.39 4.44
CA LEU B 188 7.81 -20.41 3.40
C LEU B 188 7.47 -20.83 2.00
N GLU B 189 7.16 -22.10 1.82
CA GLU B 189 6.68 -22.62 0.54
C GLU B 189 5.47 -21.82 0.07
N ASN B 190 4.66 -21.43 1.03
CA ASN B 190 3.41 -20.73 0.78
C ASN B 190 3.44 -19.20 1.10
N PHE B 191 4.63 -18.60 1.13
CA PHE B 191 4.78 -17.18 1.46
C PHE B 191 5.52 -16.53 0.33
N THR B 192 4.86 -15.59 -0.32
CA THR B 192 5.44 -14.88 -1.42
C THR B 192 5.22 -13.37 -1.34
N ILE B 193 6.03 -12.65 -2.12
CA ILE B 193 5.92 -11.21 -2.22
C ILE B 193 5.97 -10.86 -3.69
N LEU B 194 5.01 -10.06 -4.15
CA LEU B 194 5.03 -9.47 -5.47
C LEU B 194 5.18 -7.95 -5.41
N GLN B 195 6.17 -7.44 -6.14
CA GLN B 195 6.49 -6.03 -6.17
C GLN B 195 6.23 -5.57 -7.55
N VAL B 196 5.36 -4.57 -7.74
CA VAL B 196 5.15 -3.96 -9.05
C VAL B 196 5.43 -2.47 -8.95
N VAL B 197 6.26 -2.01 -9.88
CA VAL B 197 6.63 -0.62 -10.00
C VAL B 197 6.09 -0.09 -11.29
N THR B 198 5.30 0.98 -11.22
CA THR B 198 4.78 1.59 -12.42
C THR B 198 5.04 3.07 -12.45
N ASN B 199 5.01 3.65 -13.62
CA ASN B 199 4.98 5.10 -13.77
C ASN B 199 3.64 5.59 -13.26
N ARG B 200 3.62 6.32 -12.12
CA ARG B 200 2.36 6.90 -11.60
C ARG B 200 1.56 7.72 -12.65
N ASP B 201 2.24 8.46 -13.52
CA ASP B 201 1.57 9.31 -14.51
C ASP B 201 0.97 8.53 -15.71
N THR B 202 1.69 7.57 -16.27
CA THR B 202 1.20 6.81 -17.45
C THR B 202 0.64 5.42 -17.18
N GLN B 203 0.79 4.92 -15.95
CA GLN B 203 0.42 3.53 -15.56
C GLN B 203 1.13 2.41 -16.36
N GLU B 204 2.21 2.73 -17.03
CA GLU B 204 3.10 1.75 -17.59
C GLU B 204 3.79 1.00 -16.48
N LEU B 205 3.81 -0.33 -16.60
CA LEU B 205 4.61 -1.17 -15.73
C LEU B 205 6.08 -0.98 -16.03
N LEU B 206 6.88 -0.73 -14.98
CA LEU B 206 8.35 -0.65 -15.16
C LEU B 206 9.09 -1.88 -14.72
N LEU B 207 8.57 -2.57 -13.71
CA LEU B 207 9.28 -3.69 -13.12
C LEU B 207 8.33 -4.46 -12.24
N CYS B 208 8.33 -5.78 -12.40
CA CYS B 208 7.49 -6.67 -11.62
C CYS B 208 8.41 -7.76 -11.16
N THR B 209 8.61 -7.85 -9.84
CA THR B 209 9.43 -8.87 -9.27
C THR B 209 8.61 -9.78 -8.37
N ALA B 210 8.63 -11.09 -8.64
CA ALA B 210 8.09 -12.10 -7.72
C ALA B 210 9.19 -12.63 -6.78
N TYR B 211 8.90 -12.73 -5.50
CA TYR B 211 9.89 -13.19 -4.53
C TYR B 211 9.43 -14.48 -3.90
N VAL B 212 10.31 -15.48 -3.92
CA VAL B 212 10.08 -16.73 -3.20
C VAL B 212 11.22 -16.97 -2.25
N PHE B 213 10.94 -17.73 -1.20
CA PHE B 213 11.76 -17.71 0.00
C PHE B 213 12.13 -19.13 0.50
N GLU B 214 13.36 -19.30 1.02
CA GLU B 214 13.71 -20.35 1.96
C GLU B 214 14.54 -19.72 3.05
N VAL B 215 14.85 -20.49 4.08
CA VAL B 215 15.78 -20.01 5.10
C VAL B 215 17.19 -20.45 4.74
N SER B 216 18.15 -19.57 4.99
CA SER B 216 19.56 -19.94 4.91
C SER B 216 19.89 -20.79 6.16
N THR B 217 21.15 -21.15 6.33
CA THR B 217 21.60 -21.84 7.53
C THR B 217 22.21 -20.95 8.65
N SER B 218 22.26 -19.62 8.48
CA SER B 218 22.88 -18.67 9.49
C SER B 218 24.41 -18.55 9.45
N GLU B 219 25.11 -19.69 9.56
CA GLU B 219 26.54 -19.76 9.20
C GLU B 219 26.66 -19.04 7.87
N ARG B 220 25.73 -19.39 6.96
CA ARG B 220 25.51 -18.61 5.75
C ARG B 220 24.45 -17.51 6.07
N GLY B 221 24.80 -16.28 5.73
CA GLY B 221 23.84 -15.18 5.82
C GLY B 221 22.91 -15.23 4.62
N ALA B 222 22.38 -14.07 4.26
CA ALA B 222 21.38 -13.97 3.20
C ALA B 222 21.96 -14.19 1.81
N GLN B 223 21.27 -14.92 0.95
CA GLN B 223 21.68 -14.99 -0.47
C GLN B 223 20.44 -14.92 -1.33
N HIS B 224 20.64 -14.77 -2.64
CA HIS B 224 19.59 -14.75 -3.62
C HIS B 224 20.09 -15.24 -4.97
N HIS B 225 19.16 -15.65 -5.82
CA HIS B 225 19.42 -15.91 -7.21
C HIS B 225 18.26 -15.22 -7.92
N ILE B 226 18.58 -14.52 -9.00
CA ILE B 226 17.65 -13.76 -9.82
C ILE B 226 17.42 -14.44 -11.19
N TYR B 227 16.15 -14.63 -11.57
CA TYR B 227 15.77 -15.20 -12.88
C TYR B 227 14.95 -14.19 -13.68
N ARG B 228 15.04 -14.25 -15.00
CA ARG B 228 14.01 -13.70 -15.91
C ARG B 228 12.76 -14.57 -15.92
N LEU B 229 11.57 -13.95 -15.94
CA LEU B 229 10.31 -14.64 -16.07
C LEU B 229 9.88 -14.55 -17.52
N VAL B 230 9.73 -15.74 -18.14
CA VAL B 230 9.46 -15.87 -19.58
C VAL B 230 8.24 -16.73 -19.75
N ARG B 231 7.90 -16.93 -21.02
CA ARG B 231 6.66 -17.55 -21.43
C ARG B 231 6.69 -17.77 -22.95
C1 MYR C . -6.28 2.36 -2.82
O1 MYR C . -7.01 1.84 -3.78
O2 MYR C . -5.06 2.30 -2.82
C2 MYR C . -7.08 3.00 -1.73
C3 MYR C . -7.97 4.12 -2.23
C4 MYR C . -8.58 4.93 -1.11
C5 MYR C . -9.88 4.40 -0.64
C6 MYR C . -10.99 4.44 -1.66
C7 MYR C . -12.37 4.89 -1.16
C8 MYR C . -13.36 3.79 -0.99
C9 MYR C . -13.85 3.14 -2.26
C10 MYR C . -15.34 3.30 -2.46
C11 MYR C . -16.07 2.05 -2.79
C12 MYR C . -16.40 1.21 -1.60
C13 MYR C . -17.81 0.75 -1.57
C14 MYR C . -18.01 -0.39 -0.60
C1 MYR D . 5.45 -3.67 4.71
O1 MYR D . 6.33 -2.74 4.65
C2 MYR D . 5.61 -4.64 3.56
C3 MYR D . 6.84 -4.26 2.78
C4 MYR D . 7.03 -5.17 1.60
C5 MYR D . 8.47 -5.62 1.40
C6 MYR D . 8.81 -6.71 2.40
C7 MYR D . 10.11 -7.45 2.06
C8 MYR D . 10.22 -8.52 3.12
C9 MYR D . 11.60 -9.11 3.16
C10 MYR D . 11.67 -10.61 3.28
C11 MYR D . 11.10 -11.18 4.56
C12 MYR D . 11.77 -12.51 4.91
C13 MYR D . 10.74 -13.53 5.38
C14 MYR D . 11.36 -14.90 5.58
C1 KX5 E . 0.64 -12.20 7.62
N2 KX5 E . -3.80 -14.03 10.28
C5 KX5 E . -0.33 -14.39 7.62
C6 KX5 E . -1.51 -15.29 7.74
C7 KX5 E . -3.07 -18.17 6.49
C9 KX5 E . -5.43 -17.58 5.82
C10 KX5 E . -3.25 -16.52 8.40
C11 KX5 E . -2.48 -15.46 8.80
C12 KX5 E . -2.68 -14.74 10.14
C13 KX5 E . -3.90 -12.90 11.18
CL1 KX5 E . 0.45 -10.50 7.81
C15 KX5 E . -3.47 -10.91 9.62
C16 KX5 E . -4.32 -11.41 8.65
C18 KX5 E . -4.22 -9.37 7.41
C19 KX5 E . -3.38 -8.84 8.37
O2 KX5 E . -1.86 -14.87 11.05
N1 KX5 E . -2.75 -16.94 7.21
C8 KX5 E . -4.05 -17.93 5.35
O1 KX5 E . -5.80 -17.70 6.97
O KX5 E . -6.19 -17.12 4.87
N KX5 E . -1.71 -16.18 6.78
C2 KX5 E . -0.41 -13.04 7.93
C4 KX5 E . 0.84 -14.89 7.04
C3 KX5 E . 1.89 -14.03 6.75
C KX5 E . 1.79 -12.70 7.03
CL KX5 E . 3.10 -11.63 6.67
C14 KX5 E . -2.99 -11.74 10.78
C20 KX5 E . -3.01 -9.60 9.46
C17 KX5 E . -4.69 -10.66 7.55
#